data_7HAW
#
_entry.id   7HAW
#
_cell.length_a   65.820
_cell.length_b   89.430
_cell.length_c   100.040
_cell.angle_alpha   90.000
_cell.angle_beta   90.000
_cell.angle_gamma   90.000
#
_symmetry.space_group_name_H-M   'I 2 2 2'
#
loop_
_entity.id
_entity.type
_entity.pdbx_description
1 polymer 'Heat shock protein HSP 90-alpha'
2 non-polymer "N-(2,4-difluorophenyl)-N'-methylthiourea"
3 water water
#
_entity_poly.entity_id   1
_entity_poly.type   'polypeptide(L)'
_entity_poly.pdbx_seq_one_letter_code
;MDQPMEEEEVETFAFQAEIAQLMSLIINTFYSNKEIFLRELISNSSDALDKIRYESLTDPSKLDSGKELHINLIPNKQDR
TLTIVDTGIGMTKADLINNLGTIAKSGTKAFMEALQAGADISMIGQFGVGFYSAYLVAEKVTVITKHNDDEQYAWESSAG
GSFTVRTDTGEPMGRGTKVILHLKEDQTEYLEERRIKEIVKKHSQFIGYPITLFVEKERDKEVSDDEAELEHHHHHH
;
_entity_poly.pdbx_strand_id   A
#
loop_
_chem_comp.id
_chem_comp.type
_chem_comp.name
_chem_comp.formula
A1AYD non-polymer N-(2,4-difluorophenyl)-N'-methylthiourea 'C8 H8 F2 N2 S'
#
# COMPACT_ATOMS: atom_id res chain seq x y z
N GLU A 9 -9.17 21.93 1.02
CA GLU A 9 -8.96 21.94 -0.42
C GLU A 9 -8.63 20.55 -0.97
N VAL A 10 -9.60 19.91 -1.64
CA VAL A 10 -9.49 18.52 -2.02
C VAL A 10 -9.56 18.46 -3.54
N GLU A 11 -8.62 17.77 -4.17
CA GLU A 11 -8.62 17.60 -5.61
C GLU A 11 -9.11 16.20 -5.95
N THR A 12 -10.04 16.11 -6.91
CA THR A 12 -10.59 14.83 -7.33
C THR A 12 -10.13 14.53 -8.75
N PHE A 13 -9.66 13.31 -8.97
CA PHE A 13 -9.05 12.87 -10.22
C PHE A 13 -9.73 11.60 -10.68
N ALA A 14 -9.84 11.44 -12.00
CA ALA A 14 -10.25 10.16 -12.58
C ALA A 14 -9.06 9.21 -12.70
N PHE A 15 -9.25 7.94 -12.31
CA PHE A 15 -8.26 6.96 -12.69
C PHE A 15 -8.18 6.86 -14.21
N GLN A 16 -6.96 6.59 -14.72
CA GLN A 16 -6.86 6.12 -16.09
C GLN A 16 -7.73 4.89 -16.31
N ALA A 17 -8.30 4.78 -17.52
CA ALA A 17 -9.24 3.70 -17.81
C ALA A 17 -8.68 2.34 -17.45
N GLU A 18 -7.40 2.11 -17.74
CA GLU A 18 -6.83 0.79 -17.49
C GLU A 18 -6.73 0.47 -15.99
N ILE A 19 -6.49 1.49 -15.17
CA ILE A 19 -6.40 1.27 -13.73
C ILE A 19 -7.79 1.07 -13.15
N ALA A 20 -8.78 1.80 -13.67
CA ALA A 20 -10.16 1.55 -13.23
C ALA A 20 -10.54 0.11 -13.54
N GLN A 21 -10.12 -0.39 -14.71
CA GLN A 21 -10.41 -1.77 -15.10
C GLN A 21 -9.70 -2.76 -14.17
N LEU A 22 -8.43 -2.50 -13.85
CA LEU A 22 -7.71 -3.35 -12.86
C LEU A 22 -8.46 -3.38 -11.53
N MET A 23 -8.86 -2.22 -11.02
CA MET A 23 -9.56 -2.20 -9.74
C MET A 23 -10.90 -2.92 -9.81
N SER A 24 -11.67 -2.75 -10.89
CA SER A 24 -12.93 -3.49 -10.94
C SER A 24 -12.69 -4.99 -11.03
N LEU A 25 -11.60 -5.41 -11.72
CA LEU A 25 -11.31 -6.85 -11.78
C LEU A 25 -10.98 -7.39 -10.40
N ILE A 26 -10.20 -6.64 -9.63
CA ILE A 26 -9.81 -7.08 -8.28
C ILE A 26 -11.04 -7.15 -7.37
N ILE A 27 -11.96 -6.21 -7.54
CA ILE A 27 -13.13 -6.15 -6.67
C ILE A 27 -14.15 -7.20 -7.05
N ASN A 28 -14.32 -7.49 -8.34
CA ASN A 28 -15.45 -8.33 -8.77
C ASN A 28 -15.11 -9.79 -9.05
N THR A 29 -13.83 -10.13 -9.24
CA THR A 29 -13.51 -11.51 -9.55
C THR A 29 -13.64 -12.39 -8.32
N PHE A 30 -14.30 -13.53 -8.46
CA PHE A 30 -14.29 -14.44 -7.33
C PHE A 30 -12.90 -15.07 -7.16
N TYR A 31 -12.30 -14.88 -5.97
CA TYR A 31 -10.90 -15.30 -5.74
C TYR A 31 -10.70 -15.39 -4.23
N SER A 32 -10.58 -16.60 -3.69
CA SER A 32 -10.68 -16.75 -2.24
C SER A 32 -9.40 -16.37 -1.51
N ASN A 33 -8.25 -16.40 -2.19
CA ASN A 33 -6.93 -16.25 -1.55
C ASN A 33 -6.59 -14.78 -1.33
N LYS A 34 -7.45 -14.10 -0.57
CA LYS A 34 -7.32 -12.65 -0.42
C LYS A 34 -6.13 -12.24 0.44
N GLU A 35 -5.61 -13.14 1.26
CA GLU A 35 -4.59 -12.76 2.24
C GLU A 35 -3.34 -12.21 1.59
N ILE A 36 -3.14 -12.46 0.29
CA ILE A 36 -1.92 -11.99 -0.36
C ILE A 36 -1.85 -10.47 -0.40
N PHE A 37 -2.95 -9.75 -0.15
CA PHE A 37 -2.83 -8.29 -0.12
C PHE A 37 -1.74 -7.86 0.87
N LEU A 38 -1.60 -8.56 2.00
CA LEU A 38 -0.68 -8.06 3.03
C LEU A 38 0.76 -8.29 2.58
N ARG A 39 1.01 -9.43 1.92
CA ARG A 39 2.33 -9.67 1.37
C ARG A 39 2.71 -8.59 0.37
N GLU A 40 1.74 -8.20 -0.46
CA GLU A 40 2.04 -7.22 -1.49
C GLU A 40 2.33 -5.86 -0.88
N LEU A 41 1.56 -5.47 0.14
CA LEU A 41 1.84 -4.17 0.74
C LEU A 41 3.14 -4.17 1.52
N ILE A 42 3.44 -5.26 2.23
CA ILE A 42 4.72 -5.31 2.92
C ILE A 42 5.87 -5.28 1.92
N SER A 43 5.69 -5.95 0.78
CA SER A 43 6.77 -5.93 -0.21
C SER A 43 6.96 -4.51 -0.74
N ASN A 44 5.85 -3.77 -0.97
CA ASN A 44 5.98 -2.38 -1.40
C ASN A 44 6.70 -1.56 -0.35
N SER A 45 6.37 -1.77 0.92
CA SER A 45 7.08 -1.05 1.99
C SER A 45 8.56 -1.39 1.97
N SER A 46 8.91 -2.68 1.83
CA SER A 46 10.32 -3.05 1.78
C SER A 46 11.03 -2.35 0.62
N ASP A 47 10.38 -2.29 -0.56
CA ASP A 47 10.97 -1.60 -1.71
C ASP A 47 11.21 -0.13 -1.39
N ALA A 48 10.26 0.51 -0.69
CA ALA A 48 10.40 1.93 -0.35
C ALA A 48 11.52 2.14 0.66
N LEU A 49 11.65 1.23 1.61
CA LEU A 49 12.75 1.28 2.56
C LEU A 49 14.10 1.07 1.86
N ASP A 50 14.17 0.13 0.92
CA ASP A 50 15.41 -0.04 0.17
C ASP A 50 15.81 1.26 -0.52
N LYS A 51 14.82 1.98 -1.09
CA LYS A 51 15.17 3.21 -1.83
C LYS A 51 15.77 4.27 -0.93
N ILE A 52 15.17 4.52 0.23
CA ILE A 52 15.76 5.56 1.08
C ILE A 52 17.07 5.07 1.66
N ARG A 53 17.21 3.78 1.94
CA ARG A 53 18.51 3.29 2.38
C ARG A 53 19.59 3.53 1.33
N TYR A 54 19.29 3.22 0.05
CA TYR A 54 20.28 3.44 -0.99
C TYR A 54 20.67 4.93 -1.09
N GLU A 55 19.68 5.82 -1.08
CA GLU A 55 20.01 7.25 -1.16
C GLU A 55 20.89 7.66 0.00
N SER A 56 20.63 7.11 1.19
CA SER A 56 21.41 7.51 2.37
C SER A 56 22.85 7.04 2.29
N LEU A 57 23.17 6.10 1.41
CA LEU A 57 24.52 5.58 1.39
C LEU A 57 25.50 6.64 0.94
N THR A 58 25.05 7.57 0.13
CA THR A 58 25.92 8.63 -0.35
C THR A 58 25.56 10.00 0.23
N ASP A 59 24.39 10.13 0.84
CA ASP A 59 23.96 11.40 1.43
C ASP A 59 23.26 11.09 2.76
N PRO A 60 24.00 11.03 3.87
CA PRO A 60 23.38 10.67 5.15
C PRO A 60 22.27 11.61 5.55
N SER A 61 22.27 12.87 5.07
CA SER A 61 21.24 13.80 5.45
C SER A 61 19.86 13.37 4.97
N LYS A 62 19.80 12.40 4.06
CA LYS A 62 18.51 11.90 3.63
C LYS A 62 17.75 11.26 4.79
N LEU A 63 18.45 10.89 5.87
CA LEU A 63 17.78 10.29 7.02
C LEU A 63 17.54 11.29 8.13
N ASP A 64 17.73 12.58 7.87
CA ASP A 64 17.43 13.57 8.92
C ASP A 64 15.96 13.52 9.32
N SER A 65 15.09 13.06 8.43
CA SER A 65 13.66 12.92 8.65
C SER A 65 13.33 11.64 9.37
N GLY A 66 14.34 10.88 9.79
CA GLY A 66 14.09 9.66 10.53
C GLY A 66 15.10 8.59 10.21
N LYS A 67 15.87 8.12 11.21
CA LYS A 67 16.92 7.12 10.92
C LYS A 67 16.40 5.69 10.91
N GLU A 68 15.27 5.43 11.58
CA GLU A 68 14.79 4.06 11.75
C GLU A 68 14.10 3.59 10.47
N LEU A 69 14.39 2.37 10.04
CA LEU A 69 13.82 1.81 8.82
C LEU A 69 13.00 0.59 9.23
N HIS A 70 11.67 0.72 9.24
CA HIS A 70 10.87 -0.37 9.78
C HIS A 70 9.48 -0.34 9.17
N ILE A 71 8.70 -1.39 9.49
CA ILE A 71 7.34 -1.59 9.04
C ILE A 71 6.49 -1.92 10.26
N ASN A 72 5.40 -1.17 10.47
CA ASN A 72 4.46 -1.45 11.56
C ASN A 72 3.11 -1.86 11.00
N LEU A 73 2.49 -2.85 11.62
CA LEU A 73 1.14 -3.28 11.26
C LEU A 73 0.24 -2.95 12.43
N ILE A 74 -0.77 -2.12 12.19
CA ILE A 74 -1.60 -1.58 13.26
C ILE A 74 -3.06 -1.91 12.97
N PRO A 75 -3.61 -2.91 13.64
CA PRO A 75 -5.04 -3.19 13.51
C PRO A 75 -5.82 -2.37 14.52
N ASN A 76 -7.00 -1.93 14.09
CA ASN A 76 -7.91 -1.19 14.97
C ASN A 76 -9.31 -1.73 14.77
N LYS A 77 -9.79 -2.52 15.72
CA LYS A 77 -11.10 -3.15 15.54
C LYS A 77 -12.23 -2.14 15.69
N GLN A 78 -12.02 -1.07 16.45
CA GLN A 78 -13.09 -0.07 16.62
C GLN A 78 -13.35 0.67 15.33
N ASP A 79 -12.29 1.06 14.62
CA ASP A 79 -12.34 1.77 13.36
C ASP A 79 -12.47 0.82 12.17
N ARG A 80 -12.30 -0.48 12.41
CA ARG A 80 -12.26 -1.52 11.38
C ARG A 80 -11.21 -1.18 10.30
N THR A 81 -10.02 -0.85 10.76
CA THR A 81 -8.92 -0.50 9.86
C THR A 81 -7.69 -1.34 10.15
N LEU A 82 -6.94 -1.66 9.10
CA LEU A 82 -5.61 -2.25 9.23
C LEU A 82 -4.66 -1.26 8.56
N THR A 83 -3.69 -0.74 9.30
CA THR A 83 -2.77 0.26 8.75
C THR A 83 -1.39 -0.36 8.63
N ILE A 84 -0.74 -0.16 7.47
CA ILE A 84 0.63 -0.64 7.23
C ILE A 84 1.48 0.63 7.16
N VAL A 85 2.40 0.82 8.12
CA VAL A 85 3.24 2.02 8.17
C VAL A 85 4.65 1.63 7.82
N ASP A 86 5.31 2.43 6.98
CA ASP A 86 6.75 2.24 6.78
C ASP A 86 7.43 3.58 6.76
N THR A 87 8.72 3.54 7.02
CA THR A 87 9.52 4.76 7.04
C THR A 87 10.42 4.80 5.81
N GLY A 88 9.91 4.35 4.67
CA GLY A 88 10.70 4.36 3.45
C GLY A 88 10.71 5.74 2.81
N ILE A 89 11.01 5.74 1.52
CA ILE A 89 11.29 7.01 0.84
C ILE A 89 10.05 7.89 0.68
N GLY A 90 8.84 7.32 0.83
CA GLY A 90 7.64 8.13 0.66
C GLY A 90 7.39 8.47 -0.80
N MET A 91 6.32 9.26 -1.00
CA MET A 91 5.96 9.68 -2.34
C MET A 91 5.65 11.16 -2.37
N THR A 92 6.03 11.79 -3.48
CA THR A 92 5.62 13.17 -3.72
C THR A 92 4.18 13.22 -4.20
N LYS A 93 3.61 14.45 -4.20
CA LYS A 93 2.27 14.61 -4.73
C LYS A 93 2.19 14.09 -6.15
N ALA A 94 3.22 14.36 -6.94
CA ALA A 94 3.23 13.91 -8.33
C ALA A 94 3.24 12.39 -8.39
N ASP A 95 4.01 11.74 -7.51
CA ASP A 95 4.00 10.28 -7.46
C ASP A 95 2.61 9.76 -7.13
N LEU A 96 1.98 10.35 -6.12
CA LEU A 96 0.64 9.88 -5.74
C LEU A 96 -0.31 9.93 -6.92
N ILE A 97 -0.32 11.06 -7.63
CA ILE A 97 -1.25 11.19 -8.73
C ILE A 97 -0.90 10.22 -9.85
N ASN A 98 0.40 10.00 -10.09
CA ASN A 98 0.85 9.09 -11.13
C ASN A 98 0.83 7.65 -10.60
N ASN A 99 -0.37 7.22 -10.19
CA ASN A 99 -0.61 5.86 -9.74
C ASN A 99 0.33 5.39 -8.62
N LEU A 100 0.46 6.22 -7.59
CA LEU A 100 1.26 5.85 -6.40
C LEU A 100 2.65 5.35 -6.78
N GLY A 101 3.29 6.07 -7.71
CA GLY A 101 4.66 5.77 -8.09
C GLY A 101 4.89 4.49 -8.87
N THR A 102 3.86 3.97 -9.53
CA THR A 102 3.94 2.71 -10.27
C THR A 102 3.82 3.00 -11.76
N ILE A 103 4.20 2.02 -12.59
CA ILE A 103 3.93 2.07 -14.02
C ILE A 103 2.65 1.28 -14.28
N ALA A 104 1.56 1.76 -13.70
CA ALA A 104 0.39 0.93 -13.58
C ALA A 104 -0.28 0.69 -14.93
N LYS A 105 -0.19 1.61 -15.89
CA LYS A 105 -0.78 1.34 -17.20
C LYS A 105 -0.12 0.14 -17.87
N SER A 106 1.21 0.13 -17.95
CA SER A 106 1.84 -1.00 -18.62
C SER A 106 1.82 -2.22 -17.73
N GLY A 107 1.90 -2.05 -16.40
CA GLY A 107 1.79 -3.19 -15.50
C GLY A 107 0.44 -3.88 -15.59
N THR A 108 -0.64 -3.11 -15.70
CA THR A 108 -1.96 -3.72 -15.87
C THR A 108 -2.04 -4.47 -17.19
N LYS A 109 -1.53 -3.89 -18.26
CA LYS A 109 -1.52 -4.59 -19.55
C LYS A 109 -0.81 -5.93 -19.44
N ALA A 110 0.36 -5.95 -18.79
CA ALA A 110 1.10 -7.21 -18.66
C ALA A 110 0.33 -8.21 -17.79
N PHE A 111 -0.27 -7.72 -16.70
CA PHE A 111 -1.01 -8.58 -15.77
C PHE A 111 -2.20 -9.21 -16.47
N MET A 112 -2.94 -8.43 -17.25
CA MET A 112 -4.08 -8.99 -17.98
C MET A 112 -3.63 -10.05 -18.97
N GLU A 113 -2.56 -9.75 -19.70
CA GLU A 113 -2.03 -10.74 -20.63
C GLU A 113 -1.65 -12.03 -19.91
N ALA A 114 -1.13 -11.91 -18.68
CA ALA A 114 -0.73 -13.10 -17.92
C ALA A 114 -1.94 -13.86 -17.41
N LEU A 115 -3.00 -13.14 -17.01
CA LEU A 115 -4.18 -13.81 -16.48
C LEU A 115 -4.85 -14.63 -17.57
N GLN A 116 -4.80 -14.17 -18.80
CA GLN A 116 -5.38 -15.01 -19.81
C GLN A 116 -4.45 -16.15 -20.24
N ALA A 117 -3.19 -16.12 -19.80
CA ALA A 117 -2.19 -17.13 -20.10
C ALA A 117 -1.88 -18.05 -18.91
N GLY A 118 -2.79 -18.12 -17.94
CA GLY A 118 -2.74 -19.10 -16.89
C GLY A 118 -2.60 -18.52 -15.50
N ALA A 119 -2.12 -17.29 -15.39
CA ALA A 119 -1.84 -16.69 -14.09
C ALA A 119 -3.12 -16.49 -13.27
N ASP A 120 -2.92 -16.24 -11.98
CA ASP A 120 -3.98 -15.91 -11.05
C ASP A 120 -3.65 -14.61 -10.34
N ILE A 121 -4.64 -14.11 -9.59
CA ILE A 121 -4.51 -12.77 -9.00
C ILE A 121 -3.33 -12.70 -8.06
N SER A 122 -2.92 -13.84 -7.49
CA SER A 122 -1.83 -13.79 -6.52
C SER A 122 -0.51 -13.32 -7.13
N MET A 123 -0.36 -13.39 -8.45
CA MET A 123 0.86 -12.97 -9.12
C MET A 123 0.92 -11.47 -9.40
N ILE A 124 -0.04 -10.71 -8.90
CA ILE A 124 -0.16 -9.28 -9.23
C ILE A 124 1.12 -8.49 -8.98
N GLY A 125 1.83 -8.84 -7.91
CA GLY A 125 3.06 -8.11 -7.57
C GLY A 125 4.16 -8.20 -8.61
N GLN A 126 4.19 -9.28 -9.39
CA GLN A 126 5.16 -9.41 -10.47
C GLN A 126 4.98 -8.39 -11.58
N PHE A 127 3.86 -7.67 -11.59
CA PHE A 127 3.55 -6.69 -12.64
C PHE A 127 3.55 -5.28 -12.09
N GLY A 128 4.04 -5.10 -10.87
CA GLY A 128 4.27 -3.77 -10.36
C GLY A 128 3.04 -3.03 -9.90
N VAL A 129 1.90 -3.70 -9.76
CA VAL A 129 0.65 -3.05 -9.36
C VAL A 129 0.07 -3.75 -8.13
N GLY A 130 0.95 -4.35 -7.31
CA GLY A 130 0.48 -5.05 -6.11
C GLY A 130 -0.25 -4.17 -5.13
N PHE A 131 -0.03 -2.85 -5.16
CA PHE A 131 -0.77 -1.95 -4.27
C PHE A 131 -2.26 -2.18 -4.39
N TYR A 132 -2.76 -2.35 -5.64
CA TYR A 132 -4.21 -2.39 -5.82
C TYR A 132 -4.84 -3.67 -5.28
N SER A 133 -4.04 -4.67 -4.90
CA SER A 133 -4.62 -5.82 -4.19
C SER A 133 -5.22 -5.43 -2.85
N ALA A 134 -4.92 -4.23 -2.35
CA ALA A 134 -5.62 -3.76 -1.16
C ALA A 134 -7.14 -3.89 -1.31
N TYR A 135 -7.66 -3.71 -2.56
CA TYR A 135 -9.11 -3.73 -2.74
C TYR A 135 -9.68 -5.14 -2.73
N LEU A 136 -8.84 -6.17 -2.51
CA LEU A 136 -9.36 -7.48 -2.15
C LEU A 136 -10.06 -7.47 -0.81
N VAL A 137 -9.63 -6.59 0.11
CA VAL A 137 -10.14 -6.66 1.46
C VAL A 137 -10.68 -5.31 1.93
N ALA A 138 -10.35 -4.22 1.23
CA ALA A 138 -10.75 -2.90 1.70
C ALA A 138 -11.83 -2.30 0.82
N GLU A 139 -12.83 -1.69 1.46
CA GLU A 139 -13.79 -0.87 0.69
C GLU A 139 -13.25 0.52 0.38
N LYS A 140 -12.31 1.01 1.18
CA LYS A 140 -11.72 2.31 0.96
C LYS A 140 -10.26 2.20 1.40
N VAL A 141 -9.38 2.90 0.71
CA VAL A 141 -7.97 2.91 1.09
C VAL A 141 -7.54 4.37 1.16
N THR A 142 -6.87 4.71 2.25
CA THR A 142 -6.27 6.03 2.45
C THR A 142 -4.75 5.87 2.49
N VAL A 143 -4.02 6.69 1.74
CA VAL A 143 -2.55 6.61 1.76
C VAL A 143 -2.03 7.97 2.22
N ILE A 144 -1.33 7.99 3.34
CA ILE A 144 -0.72 9.20 3.86
C ILE A 144 0.77 9.07 3.58
N THR A 145 1.39 10.11 3.03
CA THR A 145 2.79 9.91 2.64
C THR A 145 3.57 11.20 2.81
N LYS A 146 4.87 11.04 3.08
CA LYS A 146 5.77 12.19 3.20
C LYS A 146 7.09 11.81 2.58
N HIS A 147 7.48 12.53 1.54
CA HIS A 147 8.75 12.36 0.86
C HIS A 147 9.64 13.53 1.25
N ASN A 148 10.97 13.30 1.33
CA ASN A 148 11.85 14.41 1.74
C ASN A 148 11.67 15.66 0.87
N ASP A 149 11.28 15.50 -0.40
CA ASP A 149 11.22 16.62 -1.33
C ASP A 149 9.84 17.24 -1.46
N ASP A 150 8.87 16.85 -0.62
CA ASP A 150 7.53 17.43 -0.76
C ASP A 150 6.86 17.49 0.63
N GLU A 151 5.62 17.98 0.66
CA GLU A 151 4.84 18.08 1.89
C GLU A 151 4.05 16.79 2.10
N GLN A 152 3.43 16.68 3.26
CA GLN A 152 2.65 15.48 3.58
C GLN A 152 1.29 15.54 2.90
N TYR A 153 0.94 14.47 2.17
CA TYR A 153 -0.31 14.40 1.42
C TYR A 153 -1.09 13.16 1.82
N ALA A 154 -2.42 13.23 1.65
CA ALA A 154 -3.33 12.09 1.77
C ALA A 154 -4.01 11.81 0.44
N TRP A 155 -3.85 10.60 -0.05
CA TRP A 155 -4.58 10.07 -1.20
C TRP A 155 -5.70 9.19 -0.68
N GLU A 156 -6.83 9.15 -1.39
CA GLU A 156 -7.89 8.27 -0.95
C GLU A 156 -8.77 7.80 -2.10
N SER A 157 -9.24 6.55 -2.03
CA SER A 157 -10.15 6.09 -3.06
C SER A 157 -11.02 4.96 -2.52
N SER A 158 -12.31 5.04 -2.85
CA SER A 158 -13.23 3.90 -2.66
C SER A 158 -13.51 3.22 -3.99
N ALA A 159 -12.57 3.30 -4.92
CA ALA A 159 -12.68 2.78 -6.28
C ALA A 159 -13.84 3.54 -6.96
N GLY A 160 -14.61 2.91 -7.85
CA GLY A 160 -15.62 3.71 -8.54
C GLY A 160 -15.09 4.79 -9.48
N GLY A 161 -13.83 4.74 -9.84
CA GLY A 161 -13.34 5.50 -10.96
C GLY A 161 -12.59 6.76 -10.56
N SER A 162 -12.53 7.08 -9.29
CA SER A 162 -11.90 8.35 -8.91
C SER A 162 -11.11 8.19 -7.62
N PHE A 163 -10.19 9.14 -7.42
CA PHE A 163 -9.41 9.24 -6.19
C PHE A 163 -9.26 10.72 -5.81
N THR A 164 -8.94 10.98 -4.54
CA THR A 164 -8.75 12.35 -4.11
C THR A 164 -7.34 12.51 -3.56
N VAL A 165 -6.85 13.75 -3.64
CA VAL A 165 -5.56 14.11 -3.05
C VAL A 165 -5.76 15.41 -2.29
N ARG A 166 -5.25 15.46 -1.06
CA ARG A 166 -5.32 16.70 -0.29
C ARG A 166 -4.06 16.80 0.56
N THR A 167 -3.73 18.03 0.94
CA THR A 167 -2.67 18.20 1.93
C THR A 167 -3.14 17.57 3.23
N ASP A 168 -2.24 16.86 3.91
CA ASP A 168 -2.64 16.17 5.12
C ASP A 168 -2.31 17.06 6.30
N THR A 169 -3.31 17.42 7.08
CA THR A 169 -3.15 18.17 8.31
C THR A 169 -3.07 17.26 9.53
N GLY A 170 -3.10 15.93 9.33
CA GLY A 170 -2.93 14.98 10.40
C GLY A 170 -1.58 14.98 11.09
N GLU A 171 -1.38 13.97 11.91
CA GLU A 171 -0.12 13.80 12.62
C GLU A 171 1.04 13.77 11.64
N PRO A 172 2.07 14.61 11.81
CA PRO A 172 3.22 14.57 10.89
C PRO A 172 3.93 13.22 10.96
N MET A 173 4.30 12.68 9.79
CA MET A 173 5.02 11.40 9.79
C MET A 173 6.54 11.46 9.66
N GLY A 174 7.11 12.58 9.34
CA GLY A 174 8.57 12.58 9.24
C GLY A 174 9.02 12.20 7.86
N ARG A 175 8.80 10.92 7.50
CA ARG A 175 9.09 10.39 6.18
C ARG A 175 8.50 9.01 6.08
N GLY A 176 7.87 8.69 4.95
CA GLY A 176 7.41 7.34 4.72
C GLY A 176 5.97 7.30 4.23
N THR A 177 5.36 6.14 4.35
CA THR A 177 4.00 5.95 3.83
C THR A 177 3.18 5.15 4.80
N LYS A 178 1.91 5.54 4.95
CA LYS A 178 0.97 4.82 5.79
C LYS A 178 -0.19 4.44 4.88
N VAL A 179 -0.48 3.14 4.77
CA VAL A 179 -1.63 2.66 3.98
C VAL A 179 -2.71 2.25 4.96
N ILE A 180 -3.85 2.94 4.93
CA ILE A 180 -4.96 2.66 5.84
C ILE A 180 -6.00 1.91 5.07
N LEU A 181 -6.23 0.64 5.45
CA LEU A 181 -7.24 -0.20 4.81
C LEU A 181 -8.52 -0.17 5.62
N HIS A 182 -9.59 0.40 5.05
CA HIS A 182 -10.90 0.42 5.70
C HIS A 182 -11.59 -0.87 5.26
N LEU A 183 -11.57 -1.87 6.13
CA LEU A 183 -11.85 -3.23 5.67
C LEU A 183 -13.34 -3.42 5.37
N LYS A 184 -13.62 -4.30 4.39
CA LYS A 184 -14.97 -4.74 4.14
C LYS A 184 -15.50 -5.49 5.37
N GLU A 185 -16.81 -5.39 5.57
CA GLU A 185 -17.44 -5.97 6.76
C GLU A 185 -17.13 -7.45 6.93
N ASP A 186 -16.97 -8.19 5.84
CA ASP A 186 -16.74 -9.62 5.95
C ASP A 186 -15.26 -9.99 5.92
N GLN A 187 -14.37 -9.01 6.03
CA GLN A 187 -12.92 -9.24 5.97
C GLN A 187 -12.25 -8.88 7.30
N THR A 188 -12.97 -8.99 8.41
CA THR A 188 -12.36 -8.55 9.67
C THR A 188 -11.39 -9.58 10.27
N GLU A 189 -11.25 -10.76 9.66
CA GLU A 189 -10.23 -11.69 10.13
C GLU A 189 -8.84 -11.07 10.10
N TYR A 190 -8.63 -10.09 9.21
CA TYR A 190 -7.32 -9.45 9.03
C TYR A 190 -7.04 -8.41 10.12
N LEU A 191 -7.90 -8.30 11.11
CA LEU A 191 -7.62 -7.53 12.31
C LEU A 191 -7.21 -8.40 13.47
N GLU A 192 -7.33 -9.73 13.34
CA GLU A 192 -7.03 -10.65 14.43
C GLU A 192 -5.54 -10.92 14.49
N GLU A 193 -4.96 -10.77 15.69
CA GLU A 193 -3.52 -10.96 15.85
C GLU A 193 -3.04 -12.30 15.27
N ARG A 194 -3.73 -13.39 15.59
CA ARG A 194 -3.21 -14.68 15.17
C ARG A 194 -3.24 -14.82 13.65
N ARG A 195 -4.22 -14.21 12.99
CA ARG A 195 -4.33 -14.28 11.53
C ARG A 195 -3.23 -13.45 10.87
N ILE A 196 -2.98 -12.25 11.38
CA ILE A 196 -1.93 -11.43 10.80
C ILE A 196 -0.57 -12.09 10.99
N LYS A 197 -0.31 -12.64 12.19
CA LYS A 197 0.95 -13.35 12.43
C LYS A 197 1.13 -14.48 11.44
N GLU A 198 0.07 -15.28 11.23
CA GLU A 198 0.18 -16.41 10.31
C GLU A 198 0.55 -15.95 8.91
N ILE A 199 -0.06 -14.85 8.44
CA ILE A 199 0.19 -14.36 7.08
C ILE A 199 1.62 -13.86 6.97
N VAL A 200 2.08 -13.10 7.97
CA VAL A 200 3.43 -12.57 7.91
C VAL A 200 4.43 -13.70 7.91
N LYS A 201 4.22 -14.73 8.75
CA LYS A 201 5.15 -15.85 8.75
C LYS A 201 5.12 -16.61 7.44
N LYS A 202 3.94 -16.74 6.82
CA LYS A 202 3.81 -17.52 5.58
C LYS A 202 4.48 -16.84 4.41
N HIS A 203 4.31 -15.51 4.29
CA HIS A 203 4.62 -14.79 3.04
C HIS A 203 5.72 -13.75 3.16
N SER A 204 6.08 -13.32 4.38
CA SER A 204 6.97 -12.18 4.55
C SER A 204 8.12 -12.54 5.50
N GLN A 205 8.45 -13.83 5.57
CA GLN A 205 9.40 -14.25 6.60
C GLN A 205 10.82 -13.77 6.32
N PHE A 206 11.13 -13.40 5.08
CA PHE A 206 12.49 -12.97 4.74
C PHE A 206 12.61 -11.48 4.45
N ILE A 207 11.60 -10.68 4.76
CA ILE A 207 11.70 -9.23 4.57
C ILE A 207 12.77 -8.66 5.50
N GLY A 208 13.66 -7.81 4.95
CA GLY A 208 14.85 -7.40 5.65
C GLY A 208 14.71 -6.18 6.55
N TYR A 209 13.52 -5.96 7.07
CA TYR A 209 13.22 -4.85 7.98
C TYR A 209 12.34 -5.39 9.09
N PRO A 210 12.43 -4.83 10.30
CA PRO A 210 11.58 -5.30 11.40
C PRO A 210 10.12 -4.98 11.14
N ILE A 211 9.27 -5.99 11.31
CA ILE A 211 7.83 -5.86 11.12
C ILE A 211 7.24 -6.04 12.50
N THR A 212 6.62 -4.99 13.01
CA THR A 212 6.09 -5.04 14.38
C THR A 212 4.59 -5.05 14.26
N LEU A 213 3.95 -6.10 14.78
CA LEU A 213 2.49 -6.17 14.83
C LEU A 213 2.05 -5.58 16.17
N PHE A 214 1.35 -4.45 16.11
CA PHE A 214 0.85 -3.80 17.32
C PHE A 214 -0.33 -4.59 17.86
N VAL A 215 -0.52 -4.55 19.16
CA VAL A 215 -1.66 -5.18 19.79
C VAL A 215 -2.63 -4.10 20.23
N GLU A 216 -3.84 -4.51 20.55
CA GLU A 216 -4.88 -3.58 20.95
C GLU A 216 -5.28 -3.78 22.40
N LYS A 217 -5.72 -2.70 23.05
CA LYS A 217 -6.33 -2.75 24.39
C LYS A 217 -7.32 -3.91 24.58
N1 A1AYD B . 6.18 -7.89 -23.30
C2 A1AYD B . 5.86 -9.17 -23.15
C4 A1AYD B . 3.70 -10.15 -20.25
C5 A1AYD B . 2.91 -11.16 -19.71
C6 A1AYD B . 2.79 -12.35 -20.38
N2 A1AYD B . 5.16 -9.32 -22.02
C7 A1AYD B . 3.43 -12.60 -21.56
C1 A1AYD B . 6.79 -7.33 -24.49
C3 A1AYD B . 4.37 -10.36 -21.45
C8 A1AYD B . 4.20 -11.59 -22.07
F1 A1AYD B . 2.01 -13.34 -19.86
F2 A1AYD B . 4.85 -11.80 -23.24
S1 A1AYD B . 6.30 -10.32 -24.29
#